data_8VPR
#
_entry.id   8VPR
#
_cell.length_a   78.857
_cell.length_b   90.788
_cell.length_c   99.259
_cell.angle_alpha   90.000
_cell.angle_beta   90.000
_cell.angle_gamma   90.000
#
_symmetry.space_group_name_H-M   'P 21 21 21'
#
loop_
_entity.id
_entity.type
_entity.pdbx_description
1 polymer 'Importin subunit alpha-1'
2 polymer 'RNA-directed RNA polymerase NS5 central NLS peptide'
#
loop_
_entity_poly.entity_id
_entity_poly.type
_entity_poly.pdbx_seq_one_letter_code
_entity_poly.pdbx_strand_id
1 'polypeptide(L)'
;MHHHHHHSSGLVPRGSGMLETAAALFERNHMDSPDLGTDDDDLAMADIGSNQGTVNWSVEDIVKGINSNNLESQLQATQA
ARKLLSREKQPPIDNIIRAGLIPKFVSFLGKTDCSPIQFESAWALTNIASGTSEQTKAVVDGGAIPAFISLLASPHAHIS
EQAVWALGNIAGDGSAFRDLVIKHGAIDPLLALLAVPDLSTLACGYLRNLTWTLSNLCRNKNPAPPLDAVEQILPTLVRL
LHHNDPEVLADSCWAISYLTDGPNERIEMVVKKGVVPQLVKLLGATELPIVTPALRAIGNIVTGTDEQTQKVIDAGALAV
FPSLLTNPKTNIQKEATWTMSNITAGRQDQIQQVVNHGLVPFLVGVLSKADFKTQKEAAWAITNYTSGGTVEQIVYLVHC
GIIEPLMNLLSAKDTKIIQVILDAISNIFQAAEKLGETEKLSIMIEECGGLDKIEALQRHENESVYKASLNLIEKYFSVE
EEEDQNVVPETTSEGFAFQVQDGAPGTFNF
;
A
2 'polypeptide(L)' GFLSRNKKPRICTREE B
#
# COMPACT_ATOMS: atom_id res chain seq x y z
N ASN A 56 14.14 -15.88 33.66
CA ASN A 56 14.74 -16.08 32.31
C ASN A 56 16.19 -16.54 32.45
N TRP A 57 16.69 -17.29 31.46
CA TRP A 57 18.05 -17.84 31.49
C TRP A 57 19.04 -16.81 30.98
N SER A 58 20.32 -17.00 31.31
CA SER A 58 21.40 -16.12 30.79
C SER A 58 21.82 -16.67 29.43
N VAL A 59 22.34 -15.84 28.55
CA VAL A 59 22.87 -16.33 27.28
C VAL A 59 23.92 -17.41 27.53
N GLU A 60 24.68 -17.28 28.62
CA GLU A 60 25.72 -18.25 28.91
C GLU A 60 25.12 -19.62 29.22
N ASP A 61 24.02 -19.65 29.98
CA ASP A 61 23.39 -20.92 30.33
C ASP A 61 22.76 -21.56 29.10
N ILE A 62 22.12 -20.77 28.24
CA ILE A 62 21.50 -21.32 27.05
C ILE A 62 22.54 -22.01 26.18
N VAL A 63 23.75 -21.47 26.12
CA VAL A 63 24.80 -22.06 25.30
C VAL A 63 25.27 -23.38 25.92
N LYS A 64 25.44 -23.41 27.24
CA LYS A 64 25.95 -24.62 27.89
C LYS A 64 25.00 -25.79 27.68
N GLY A 65 23.71 -25.53 27.58
CA GLY A 65 22.73 -26.61 27.40
C GLY A 65 22.59 -27.06 25.97
N ILE A 66 22.56 -26.11 25.03
CA ILE A 66 22.46 -26.48 23.62
C ILE A 66 23.68 -27.25 23.17
N ASN A 67 24.84 -27.00 23.80
CA ASN A 67 26.07 -27.67 23.42
C ASN A 67 26.22 -29.03 24.06
N SER A 68 25.33 -29.39 24.97
CA SER A 68 25.31 -30.74 25.53
C SER A 68 24.90 -31.75 24.47
N ASN A 69 25.18 -33.02 24.77
CA ASN A 69 24.75 -34.13 23.93
C ASN A 69 23.49 -34.80 24.47
N ASN A 70 22.60 -34.01 25.07
CA ASN A 70 21.36 -34.49 25.68
C ASN A 70 20.21 -33.75 25.01
N LEU A 71 19.41 -34.48 24.22
CA LEU A 71 18.34 -33.84 23.47
C LEU A 71 17.36 -33.09 24.37
N GLU A 72 17.13 -33.61 25.58
CA GLU A 72 16.21 -32.93 26.49
C GLU A 72 16.86 -31.72 27.15
N SER A 73 18.15 -31.79 27.44
CA SER A 73 18.87 -30.58 27.87
C SER A 73 18.86 -29.54 26.77
N GLN A 74 18.92 -29.97 25.50
CA GLN A 74 18.86 -29.03 24.40
C GLN A 74 17.45 -28.45 24.24
N LEU A 75 16.42 -29.28 24.44
CA LEU A 75 15.05 -28.78 24.37
C LEU A 75 14.79 -27.73 25.45
N GLN A 76 15.26 -27.98 26.67
CA GLN A 76 15.09 -27.01 27.75
C GLN A 76 15.76 -25.68 27.38
N ALA A 77 16.96 -25.73 26.81
CA ALA A 77 17.68 -24.51 26.49
C ALA A 77 17.01 -23.76 25.34
N THR A 78 16.56 -24.49 24.31
CA THR A 78 15.90 -23.83 23.18
C THR A 78 14.62 -23.14 23.63
N GLN A 79 13.85 -23.77 24.52
CA GLN A 79 12.66 -23.12 25.06
C GLN A 79 13.05 -21.87 25.83
N ALA A 80 14.14 -21.92 26.59
CA ALA A 80 14.59 -20.74 27.31
C ALA A 80 15.00 -19.63 26.35
N ALA A 81 15.65 -20.00 25.24
CA ALA A 81 15.99 -19.01 24.23
C ALA A 81 14.73 -18.39 23.62
N ARG A 82 13.73 -19.22 23.33
CA ARG A 82 12.48 -18.71 22.80
C ARG A 82 11.86 -17.68 23.74
N LYS A 83 11.86 -17.97 25.04
CA LYS A 83 11.22 -17.07 26.00
C LYS A 83 11.96 -15.74 26.11
N LEU A 84 13.28 -15.75 25.96
CA LEU A 84 14.02 -14.49 25.91
C LEU A 84 13.62 -13.68 24.69
N LEU A 85 13.67 -14.30 23.51
CA LEU A 85 13.38 -13.59 22.27
C LEU A 85 11.92 -13.17 22.17
N SER A 86 11.05 -13.74 22.99
CA SER A 86 9.65 -13.37 23.03
C SER A 86 9.34 -12.37 24.13
N ARG A 87 10.36 -11.80 24.76
CA ARG A 87 10.14 -10.68 25.65
C ARG A 87 10.07 -9.39 24.84
N GLU A 88 9.52 -8.35 25.46
CA GLU A 88 9.28 -7.10 24.74
C GLU A 88 10.45 -6.14 24.81
N LYS A 89 11.10 -6.02 25.98
CA LYS A 89 12.18 -5.05 26.16
C LYS A 89 13.45 -5.62 25.55
N GLN A 90 13.96 -4.93 24.52
CA GLN A 90 15.27 -5.22 23.95
C GLN A 90 15.56 -6.71 23.92
N PRO A 91 14.83 -7.49 23.14
CA PRO A 91 15.16 -8.93 23.02
C PRO A 91 16.61 -9.10 22.59
N PRO A 92 17.43 -9.75 23.42
CA PRO A 92 18.88 -9.77 23.13
C PRO A 92 19.22 -10.54 21.86
N ILE A 93 18.75 -10.04 20.72
CA ILE A 93 18.94 -10.75 19.46
C ILE A 93 20.42 -10.80 19.11
N ASP A 94 21.11 -9.67 19.18
CA ASP A 94 22.52 -9.63 18.79
C ASP A 94 23.36 -10.53 19.68
N ASN A 95 23.03 -10.62 20.96
CA ASN A 95 23.79 -11.49 21.86
C ASN A 95 23.61 -12.95 21.51
N ILE A 96 22.39 -13.35 21.11
CA ILE A 96 22.14 -14.72 20.72
C ILE A 96 22.92 -15.09 19.46
N ILE A 97 23.08 -14.14 18.53
CA ILE A 97 23.73 -14.46 17.27
C ILE A 97 25.24 -14.64 17.46
N ARG A 98 25.87 -13.73 18.21
CA ARG A 98 27.30 -13.85 18.45
C ARG A 98 27.64 -15.18 19.10
N ALA A 99 26.73 -15.73 19.91
CA ALA A 99 26.97 -17.01 20.56
C ALA A 99 27.01 -18.17 19.58
N GLY A 100 26.62 -17.96 18.33
CA GLY A 100 26.68 -19.01 17.32
C GLY A 100 25.57 -20.02 17.40
N LEU A 101 24.38 -19.61 17.83
CA LEU A 101 23.28 -20.54 18.05
C LEU A 101 22.41 -20.78 16.83
N ILE A 102 22.44 -19.89 15.84
CA ILE A 102 21.55 -20.03 14.69
C ILE A 102 21.75 -21.38 13.99
N PRO A 103 22.97 -21.79 13.65
CA PRO A 103 23.14 -23.11 13.02
C PRO A 103 22.55 -24.25 13.85
N LYS A 104 22.56 -24.12 15.18
CA LYS A 104 21.98 -25.16 16.03
C LYS A 104 20.46 -25.16 15.92
N PHE A 105 19.85 -23.97 15.97
CA PHE A 105 18.40 -23.88 15.82
C PHE A 105 17.95 -24.45 14.48
N VAL A 106 18.71 -24.13 13.42
CA VAL A 106 18.34 -24.61 12.09
C VAL A 106 18.33 -26.14 12.06
N SER A 107 19.32 -26.77 12.70
CA SER A 107 19.35 -28.23 12.73
C SER A 107 18.20 -28.80 13.56
N PHE A 108 17.80 -28.09 14.62
CA PHE A 108 16.68 -28.57 15.42
C PHE A 108 15.38 -28.59 14.62
N LEU A 109 15.28 -27.74 13.59
CA LEU A 109 14.11 -27.77 12.73
C LEU A 109 13.90 -29.13 12.08
N GLY A 110 14.95 -29.94 11.99
CA GLY A 110 14.89 -31.23 11.32
C GLY A 110 14.71 -32.44 12.21
N LYS A 111 14.62 -32.25 13.53
CA LYS A 111 14.47 -33.38 14.45
C LYS A 111 12.99 -33.75 14.52
N THR A 112 12.59 -34.68 13.64
CA THR A 112 11.19 -35.04 13.54
C THR A 112 10.72 -35.86 14.74
N ASP A 113 11.61 -36.65 15.34
CA ASP A 113 11.23 -37.46 16.48
C ASP A 113 11.02 -36.64 17.74
N CYS A 114 11.40 -35.36 17.72
CA CYS A 114 11.19 -34.42 18.85
C CYS A 114 10.48 -33.17 18.32
N SER A 115 9.15 -33.25 18.17
CA SER A 115 8.34 -32.11 17.70
C SER A 115 8.56 -30.90 18.62
N PRO A 116 8.69 -31.05 19.95
CA PRO A 116 8.81 -29.88 20.81
C PRO A 116 10.01 -29.01 20.48
N ILE A 117 11.14 -29.60 20.09
CA ILE A 117 12.39 -28.83 19.82
C ILE A 117 12.23 -28.16 18.45
N GLN A 118 11.45 -28.73 17.52
CA GLN A 118 11.16 -28.10 16.24
C GLN A 118 10.38 -26.81 16.44
N PHE A 119 9.34 -26.87 17.29
CA PHE A 119 8.50 -25.71 17.53
C PHE A 119 9.26 -24.61 18.25
N GLU A 120 10.02 -24.98 19.29
CA GLU A 120 10.73 -23.97 20.07
C GLU A 120 11.83 -23.31 19.26
N SER A 121 12.50 -24.07 18.38
CA SER A 121 13.55 -23.47 17.55
C SER A 121 12.94 -22.63 16.43
N ALA A 122 11.81 -23.07 15.89
CA ALA A 122 11.12 -22.27 14.87
C ALA A 122 10.62 -20.96 15.44
N TRP A 123 10.06 -20.99 16.65
CA TRP A 123 9.66 -19.77 17.33
C TRP A 123 10.86 -18.85 17.56
N ALA A 124 11.95 -19.41 18.07
CA ALA A 124 13.15 -18.60 18.32
C ALA A 124 13.67 -17.99 17.03
N LEU A 125 13.77 -18.79 15.97
CA LEU A 125 14.27 -18.27 14.70
C LEU A 125 13.29 -17.27 14.09
N THR A 126 11.99 -17.46 14.30
CA THR A 126 11.01 -16.51 13.79
C THR A 126 11.28 -15.11 14.31
N ASN A 127 11.63 -14.99 15.60
CA ASN A 127 11.81 -13.68 16.19
C ASN A 127 13.16 -13.07 15.85
N ILE A 128 14.19 -13.89 15.64
CA ILE A 128 15.46 -13.35 15.14
C ILE A 128 15.27 -12.76 13.75
N ALA A 129 14.56 -13.46 12.88
CA ALA A 129 14.35 -13.01 11.51
C ALA A 129 13.45 -11.78 11.43
N SER A 130 12.83 -11.38 12.54
CA SER A 130 11.95 -10.22 12.54
C SER A 130 12.68 -8.90 12.78
N GLY A 131 13.97 -8.95 13.12
CA GLY A 131 14.71 -7.75 13.43
C GLY A 131 15.28 -7.04 12.22
N THR A 132 16.53 -6.60 12.33
CA THR A 132 17.14 -5.83 11.26
C THR A 132 17.46 -6.71 10.06
N SER A 133 17.74 -6.06 8.93
CA SER A 133 18.15 -6.80 7.74
C SER A 133 19.39 -7.65 8.01
N GLU A 134 20.28 -7.18 8.89
CA GLU A 134 21.45 -7.98 9.24
C GLU A 134 21.05 -9.22 10.03
N GLN A 135 20.04 -9.11 10.89
CA GLN A 135 19.64 -10.24 11.70
C GLN A 135 18.87 -11.27 10.88
N THR A 136 18.00 -10.81 9.97
CA THR A 136 17.34 -11.73 9.06
C THR A 136 18.36 -12.46 8.19
N LYS A 137 19.40 -11.74 7.77
CA LYS A 137 20.43 -12.36 6.94
C LYS A 137 21.11 -13.51 7.67
N ALA A 138 21.31 -13.36 8.99
CA ALA A 138 21.94 -14.43 9.76
C ALA A 138 21.09 -15.69 9.75
N VAL A 139 19.77 -15.53 9.85
CA VAL A 139 18.88 -16.68 9.79
C VAL A 139 18.99 -17.36 8.43
N VAL A 140 19.04 -16.57 7.37
CA VAL A 140 19.12 -17.14 6.02
C VAL A 140 20.47 -17.81 5.81
N ASP A 141 21.56 -17.15 6.22
CA ASP A 141 22.89 -17.72 6.03
C ASP A 141 23.06 -19.06 6.74
N GLY A 142 22.27 -19.32 7.78
CA GLY A 142 22.32 -20.58 8.48
C GLY A 142 21.61 -21.73 7.80
N GLY A 143 21.04 -21.51 6.62
CA GLY A 143 20.32 -22.55 5.93
C GLY A 143 18.89 -22.74 6.37
N ALA A 144 18.27 -21.70 6.94
CA ALA A 144 16.95 -21.86 7.54
C ALA A 144 15.86 -21.99 6.48
N ILE A 145 16.07 -21.42 5.30
CA ILE A 145 15.01 -21.34 4.30
C ILE A 145 14.55 -22.74 3.88
N PRO A 146 15.43 -23.59 3.36
CA PRO A 146 14.96 -24.93 2.97
C PRO A 146 14.41 -25.73 4.15
N ALA A 147 14.86 -25.42 5.37
CA ALA A 147 14.37 -26.14 6.54
C ALA A 147 12.94 -25.73 6.87
N PHE A 148 12.64 -24.43 6.79
CA PHE A 148 11.28 -23.97 7.08
C PHE A 148 10.30 -24.44 6.03
N ILE A 149 10.71 -24.52 4.76
CA ILE A 149 9.84 -25.03 3.72
C ILE A 149 9.48 -26.48 3.99
N SER A 150 10.43 -27.25 4.51
CA SER A 150 10.15 -28.64 4.85
C SER A 150 9.17 -28.74 6.00
N LEU A 151 9.24 -27.82 6.95
CA LEU A 151 8.33 -27.85 8.09
C LEU A 151 6.91 -27.48 7.71
N LEU A 152 6.71 -26.88 6.54
CA LEU A 152 5.35 -26.52 6.12
C LEU A 152 4.44 -27.75 6.05
N ALA A 153 5.02 -28.93 5.79
CA ALA A 153 4.27 -30.17 5.69
C ALA A 153 4.25 -30.96 6.98
N SER A 154 4.58 -30.33 8.10
CA SER A 154 4.57 -31.03 9.38
C SER A 154 3.14 -31.41 9.74
N PRO A 155 2.93 -32.62 10.28
CA PRO A 155 1.57 -33.00 10.73
C PRO A 155 1.08 -32.17 11.91
N HIS A 156 1.96 -31.45 12.59
CA HIS A 156 1.57 -30.58 13.69
C HIS A 156 1.26 -29.19 13.15
N ALA A 157 0.02 -28.74 13.32
CA ALA A 157 -0.38 -27.47 12.74
C ALA A 157 0.40 -26.31 13.35
N HIS A 158 0.60 -26.33 14.67
CA HIS A 158 1.29 -25.21 15.32
C HIS A 158 2.74 -25.09 14.86
N ILE A 159 3.35 -26.18 14.40
CA ILE A 159 4.70 -26.10 13.85
C ILE A 159 4.66 -25.60 12.42
N SER A 160 3.70 -26.10 11.63
CA SER A 160 3.55 -25.61 10.26
C SER A 160 3.19 -24.13 10.24
N GLU A 161 2.31 -23.71 11.15
CA GLU A 161 2.01 -22.28 11.27
C GLU A 161 3.27 -21.49 11.58
N GLN A 162 4.10 -21.99 12.49
CA GLN A 162 5.32 -21.28 12.86
C GLN A 162 6.27 -21.15 11.68
N ALA A 163 6.30 -22.16 10.80
CA ALA A 163 7.13 -22.08 9.61
C ALA A 163 6.58 -21.04 8.63
N VAL A 164 5.26 -20.95 8.51
CA VAL A 164 4.65 -19.90 7.69
C VAL A 164 5.07 -18.54 8.21
N TRP A 165 4.98 -18.34 9.52
CA TRP A 165 5.37 -17.07 10.12
C TRP A 165 6.82 -16.74 9.82
N ALA A 166 7.73 -17.69 10.06
CA ALA A 166 9.15 -17.43 9.85
C ALA A 166 9.44 -17.05 8.41
N LEU A 167 8.85 -17.76 7.45
CA LEU A 167 9.07 -17.43 6.05
C LEU A 167 8.50 -16.07 5.70
N GLY A 168 7.42 -15.65 6.36
CA GLY A 168 6.89 -14.31 6.14
C GLY A 168 7.87 -13.24 6.56
N ASN A 169 8.60 -13.46 7.65
CA ASN A 169 9.59 -12.48 8.10
C ASN A 169 10.78 -12.45 7.16
N ILE A 170 11.17 -13.61 6.62
CA ILE A 170 12.31 -13.66 5.70
C ILE A 170 11.95 -12.94 4.39
N ALA A 171 10.81 -13.30 3.81
CA ALA A 171 10.41 -12.69 2.54
C ALA A 171 10.12 -11.20 2.68
N GLY A 172 9.78 -10.75 3.89
CA GLY A 172 9.49 -9.35 4.11
C GLY A 172 10.70 -8.45 4.16
N ASP A 173 11.90 -9.03 4.17
CA ASP A 173 13.11 -8.21 4.23
C ASP A 173 13.26 -7.34 2.99
N GLY A 174 13.00 -7.90 1.81
CA GLY A 174 13.16 -7.16 0.58
C GLY A 174 13.05 -8.08 -0.61
N SER A 175 13.38 -7.52 -1.78
CA SER A 175 13.21 -8.26 -3.03
C SER A 175 14.09 -9.49 -3.07
N ALA A 176 15.34 -9.37 -2.62
CA ALA A 176 16.30 -10.46 -2.78
C ALA A 176 15.85 -11.70 -2.00
N PHE A 177 15.55 -11.54 -0.70
CA PHE A 177 15.13 -12.68 0.10
C PHE A 177 13.75 -13.18 -0.34
N ARG A 178 12.86 -12.26 -0.73
CA ARG A 178 11.56 -12.67 -1.25
C ARG A 178 11.74 -13.63 -2.43
N ASP A 179 12.60 -13.26 -3.38
CA ASP A 179 12.84 -14.12 -4.54
C ASP A 179 13.60 -15.38 -4.15
N LEU A 180 14.45 -15.31 -3.12
CA LEU A 180 15.17 -16.50 -2.69
C LEU A 180 14.23 -17.50 -2.04
N VAL A 181 13.24 -17.01 -1.28
CA VAL A 181 12.24 -17.90 -0.72
C VAL A 181 11.43 -18.56 -1.83
N ILE A 182 11.17 -17.81 -2.91
CA ILE A 182 10.40 -18.36 -4.02
C ILE A 182 11.23 -19.39 -4.79
N LYS A 183 12.53 -19.12 -4.96
CA LYS A 183 13.38 -20.05 -5.70
C LYS A 183 13.51 -21.37 -4.95
N HIS A 184 13.58 -21.32 -3.61
CA HIS A 184 13.61 -22.54 -2.81
C HIS A 184 12.30 -23.31 -2.87
N GLY A 185 11.26 -22.77 -3.52
CA GLY A 185 10.05 -23.51 -3.77
C GLY A 185 9.02 -23.46 -2.67
N ALA A 186 8.74 -22.26 -2.15
CA ALA A 186 7.84 -22.12 -1.01
C ALA A 186 6.38 -21.96 -1.41
N ILE A 187 6.11 -21.53 -2.65
CA ILE A 187 4.74 -21.18 -3.02
C ILE A 187 3.86 -22.42 -3.08
N ASP A 188 4.35 -23.50 -3.68
CA ASP A 188 3.56 -24.71 -3.84
C ASP A 188 3.07 -25.22 -2.48
N PRO A 189 3.94 -25.49 -1.52
CA PRO A 189 3.44 -25.98 -0.22
C PRO A 189 2.58 -24.96 0.52
N LEU A 190 2.86 -23.67 0.36
CA LEU A 190 2.02 -22.66 1.01
C LEU A 190 0.58 -22.73 0.49
N LEU A 191 0.42 -22.70 -0.84
CA LEU A 191 -0.92 -22.76 -1.41
C LEU A 191 -1.60 -24.09 -1.09
N ALA A 192 -0.82 -25.15 -0.87
CA ALA A 192 -1.40 -26.44 -0.54
C ALA A 192 -2.10 -26.42 0.81
N LEU A 193 -1.67 -25.53 1.71
CA LEU A 193 -2.30 -25.42 3.01
C LEU A 193 -3.67 -24.77 2.94
N LEU A 194 -3.97 -24.07 1.86
CA LEU A 194 -5.24 -23.36 1.71
C LEU A 194 -6.16 -24.03 0.71
N ALA A 195 -5.87 -25.28 0.31
CA ALA A 195 -6.68 -26.00 -0.67
C ALA A 195 -7.76 -26.80 0.06
N VAL A 196 -8.75 -26.08 0.55
CA VAL A 196 -9.89 -26.69 1.23
C VAL A 196 -11.17 -26.16 0.59
N PRO A 197 -12.27 -26.93 0.59
CA PRO A 197 -13.51 -26.40 0.00
C PRO A 197 -13.98 -25.12 0.67
N ASP A 198 -13.80 -24.99 1.98
CA ASP A 198 -14.23 -23.81 2.71
C ASP A 198 -13.12 -23.34 3.62
N LEU A 199 -12.71 -22.08 3.46
CA LEU A 199 -11.67 -21.51 4.30
C LEU A 199 -12.12 -21.41 5.76
N SER A 200 -13.42 -21.35 6.03
CA SER A 200 -13.90 -21.20 7.39
C SER A 200 -13.58 -22.43 8.25
N THR A 201 -13.25 -23.56 7.62
CA THR A 201 -12.85 -24.74 8.38
C THR A 201 -11.42 -24.64 8.91
N LEU A 202 -10.66 -23.65 8.45
CA LEU A 202 -9.30 -23.44 8.93
C LEU A 202 -9.31 -22.58 10.19
N ALA A 203 -8.32 -22.80 11.05
CA ALA A 203 -8.20 -21.99 12.26
C ALA A 203 -7.98 -20.53 11.89
N CYS A 204 -8.59 -19.64 12.67
CA CYS A 204 -8.53 -18.21 12.36
C CYS A 204 -7.10 -17.72 12.31
N GLY A 205 -6.30 -18.04 13.34
CA GLY A 205 -4.93 -17.58 13.36
C GLY A 205 -4.07 -18.22 12.28
N TYR A 206 -4.29 -19.51 12.03
CA TYR A 206 -3.63 -20.18 10.92
C TYR A 206 -3.86 -19.44 9.61
N LEU A 207 -5.12 -19.06 9.37
CA LEU A 207 -5.48 -18.40 8.12
C LEU A 207 -4.89 -17.01 8.02
N ARG A 208 -4.76 -16.30 9.14
CA ARG A 208 -4.25 -14.94 9.09
C ARG A 208 -2.74 -14.93 8.84
N ASN A 209 -2.01 -15.88 9.40
CA ASN A 209 -0.58 -15.97 9.14
C ASN A 209 -0.31 -16.28 7.67
N LEU A 210 -1.10 -17.20 7.10
CA LEU A 210 -0.92 -17.54 5.70
C LEU A 210 -1.19 -16.33 4.80
N THR A 211 -2.24 -15.58 5.09
CA THR A 211 -2.53 -14.39 4.28
C THR A 211 -1.42 -13.35 4.40
N TRP A 212 -0.91 -13.14 5.62
CA TRP A 212 0.14 -12.15 5.82
C TRP A 212 1.41 -12.54 5.08
N THR A 213 1.84 -13.80 5.24
CA THR A 213 3.04 -14.26 4.56
C THR A 213 2.88 -14.12 3.04
N LEU A 214 1.71 -14.46 2.52
CA LEU A 214 1.49 -14.32 1.07
C LEU A 214 1.60 -12.86 0.64
N SER A 215 1.14 -11.95 1.49
CA SER A 215 1.24 -10.50 1.21
C SER A 215 2.71 -10.08 1.02
N ASN A 216 3.63 -10.64 1.80
CA ASN A 216 5.08 -10.26 1.76
C ASN A 216 5.75 -10.90 0.54
N LEU A 217 5.11 -11.88 -0.08
CA LEU A 217 5.65 -12.55 -1.30
C LEU A 217 5.15 -11.79 -2.52
N CYS A 218 4.29 -10.79 -2.32
CA CYS A 218 3.75 -9.94 -3.40
C CYS A 218 4.15 -8.49 -3.13
N ARG A 219 5.00 -8.24 -2.14
CA ARG A 219 5.22 -6.86 -1.64
C ARG A 219 6.30 -6.01 -2.32
N ASN A 220 7.58 -6.27 -2.12
CA ASN A 220 8.64 -5.33 -2.54
C ASN A 220 8.66 -5.04 -4.04
N LYS A 221 9.44 -4.04 -4.45
CA LYS A 221 9.62 -3.64 -5.86
C LYS A 221 11.11 -3.51 -6.14
N ASN A 222 11.50 -3.26 -7.39
CA ASN A 222 12.93 -3.13 -7.78
C ASN A 222 13.68 -4.39 -7.37
N PRO A 223 13.39 -5.58 -7.94
CA PRO A 223 12.29 -5.77 -8.88
C PRO A 223 10.98 -6.19 -8.22
N ALA A 224 9.88 -6.21 -8.99
CA ALA A 224 8.64 -6.80 -8.51
C ALA A 224 8.76 -8.33 -8.51
N PRO A 225 7.86 -9.02 -7.82
CA PRO A 225 7.93 -10.49 -7.77
C PRO A 225 7.83 -11.09 -9.16
N PRO A 226 8.35 -12.30 -9.36
CA PRO A 226 8.29 -12.90 -10.70
C PRO A 226 6.86 -13.09 -11.17
N LEU A 227 6.67 -12.90 -12.48
CA LEU A 227 5.34 -12.98 -13.06
C LEU A 227 4.71 -14.35 -12.82
N ASP A 228 5.47 -15.42 -13.07
CA ASP A 228 4.94 -16.76 -12.87
C ASP A 228 4.50 -16.96 -11.41
N ALA A 229 5.22 -16.35 -10.47
CA ALA A 229 4.82 -16.46 -9.07
C ALA A 229 3.51 -15.72 -8.82
N VAL A 230 3.37 -14.51 -9.38
CA VAL A 230 2.15 -13.74 -9.17
C VAL A 230 0.96 -14.48 -9.77
N GLU A 231 1.11 -15.01 -10.98
CA GLU A 231 0.03 -15.78 -11.59
C GLU A 231 -0.32 -16.99 -10.73
N GLN A 232 0.69 -17.64 -10.13
CA GLN A 232 0.45 -18.82 -9.32
C GLN A 232 -0.23 -18.48 -8.00
N ILE A 233 -0.10 -17.25 -7.52
CA ILE A 233 -0.66 -16.88 -6.22
C ILE A 233 -2.05 -16.29 -6.34
N LEU A 234 -2.36 -15.63 -7.46
CA LEU A 234 -3.55 -14.78 -7.51
C LEU A 234 -4.83 -15.56 -7.25
N PRO A 235 -5.09 -16.71 -7.88
CA PRO A 235 -6.36 -17.41 -7.60
C PRO A 235 -6.61 -17.62 -6.11
N THR A 236 -5.60 -18.03 -5.35
CA THR A 236 -5.77 -18.14 -3.91
C THR A 236 -5.95 -16.78 -3.26
N LEU A 237 -5.22 -15.77 -3.75
CA LEU A 237 -5.35 -14.43 -3.19
C LEU A 237 -6.75 -13.87 -3.39
N VAL A 238 -7.42 -14.24 -4.48
CA VAL A 238 -8.76 -13.75 -4.73
C VAL A 238 -9.76 -14.42 -3.80
N ARG A 239 -9.57 -15.71 -3.51
CA ARG A 239 -10.43 -16.39 -2.56
C ARG A 239 -10.34 -15.74 -1.18
N LEU A 240 -9.12 -15.44 -0.73
CA LEU A 240 -8.96 -14.77 0.55
C LEU A 240 -9.62 -13.40 0.55
N LEU A 241 -9.63 -12.71 -0.59
CA LEU A 241 -10.24 -11.39 -0.67
C LEU A 241 -11.75 -11.44 -0.45
N HIS A 242 -12.36 -12.61 -0.55
CA HIS A 242 -13.79 -12.77 -0.26
C HIS A 242 -14.05 -13.40 1.09
N HIS A 243 -13.00 -13.79 1.82
CA HIS A 243 -13.18 -14.29 3.17
C HIS A 243 -13.78 -13.20 4.06
N ASN A 244 -14.33 -13.63 5.19
CA ASN A 244 -15.08 -12.73 6.06
C ASN A 244 -14.24 -12.12 7.18
N ASP A 245 -13.04 -12.63 7.43
CA ASP A 245 -12.25 -12.14 8.55
C ASP A 245 -11.67 -10.77 8.21
N PRO A 246 -11.83 -9.77 9.09
CA PRO A 246 -11.33 -8.42 8.74
C PRO A 246 -9.84 -8.39 8.48
N GLU A 247 -9.04 -9.13 9.24
CA GLU A 247 -7.59 -9.11 9.05
C GLU A 247 -7.18 -9.86 7.79
N VAL A 248 -7.83 -10.98 7.50
CA VAL A 248 -7.55 -11.72 6.23
C VAL A 248 -7.84 -10.75 5.07
N LEU A 249 -8.89 -9.95 5.19
CA LEU A 249 -9.30 -9.01 4.10
C LEU A 249 -8.30 -7.86 3.99
N ALA A 250 -7.88 -7.29 5.11
CA ALA A 250 -6.93 -6.16 5.12
C ALA A 250 -5.59 -6.58 4.54
N ASP A 251 -5.06 -7.73 4.92
CA ASP A 251 -3.72 -8.20 4.47
C ASP A 251 -3.84 -8.69 3.02
N SER A 252 -5.04 -9.11 2.61
CA SER A 252 -5.29 -9.56 1.22
C SER A 252 -5.45 -8.32 0.33
N CYS A 253 -5.90 -7.20 0.89
CA CYS A 253 -6.06 -5.92 0.14
C CYS A 253 -4.68 -5.26 0.02
N TRP A 254 -3.79 -5.41 1.01
CA TRP A 254 -2.41 -4.97 0.93
C TRP A 254 -1.66 -5.73 -0.16
N ALA A 255 -1.87 -7.05 -0.24
CA ALA A 255 -1.25 -7.83 -1.30
C ALA A 255 -1.67 -7.31 -2.67
N ILE A 256 -2.98 -7.14 -2.89
CA ILE A 256 -3.46 -6.58 -4.15
C ILE A 256 -2.91 -5.18 -4.33
N SER A 257 -2.74 -4.43 -3.24
CA SER A 257 -2.17 -3.10 -3.33
C SER A 257 -0.75 -3.14 -3.89
N TYR A 258 0.04 -4.12 -3.46
CA TYR A 258 1.42 -4.22 -3.94
C TYR A 258 1.46 -4.61 -5.41
N LEU A 259 0.62 -5.57 -5.81
CA LEU A 259 0.68 -6.07 -7.18
C LEU A 259 0.22 -5.03 -8.19
N THR A 260 -0.61 -4.07 -7.77
CA THR A 260 -1.09 -3.03 -8.67
C THR A 260 -0.17 -1.82 -8.71
N ASP A 261 0.89 -1.80 -7.92
CA ASP A 261 1.87 -0.71 -7.92
C ASP A 261 2.95 -1.08 -8.93
N GLY A 262 2.75 -0.66 -10.17
CA GLY A 262 3.71 -0.90 -11.21
C GLY A 262 3.18 -0.59 -12.60
N PRO A 263 3.80 -1.18 -13.62
CA PRO A 263 3.36 -0.94 -14.99
C PRO A 263 1.96 -1.51 -15.24
N ASN A 264 1.38 -1.07 -16.36
CA ASN A 264 0.00 -1.45 -16.67
C ASN A 264 -0.15 -2.95 -16.92
N GLU A 265 0.93 -3.65 -17.23
CA GLU A 265 0.85 -5.10 -17.39
C GLU A 265 0.54 -5.79 -16.06
N ARG A 266 1.12 -5.27 -14.97
CA ARG A 266 0.79 -5.81 -13.65
C ARG A 266 -0.64 -5.48 -13.26
N ILE A 267 -1.07 -4.24 -13.51
CA ILE A 267 -2.44 -3.85 -13.21
C ILE A 267 -3.41 -4.77 -13.94
N GLU A 268 -3.22 -4.92 -15.26
CA GLU A 268 -4.16 -5.71 -16.05
C GLU A 268 -4.31 -7.11 -15.49
N MET A 269 -3.20 -7.74 -15.09
CA MET A 269 -3.26 -9.09 -14.56
C MET A 269 -4.18 -9.18 -13.35
N VAL A 270 -4.20 -8.14 -12.51
CA VAL A 270 -5.09 -8.12 -11.36
C VAL A 270 -6.52 -7.88 -11.82
N VAL A 271 -6.72 -6.90 -12.70
CA VAL A 271 -8.09 -6.47 -13.11
C VAL A 271 -8.77 -7.57 -13.95
N LYS A 272 -7.98 -8.48 -14.55
CA LYS A 272 -8.52 -9.55 -15.41
C LYS A 272 -9.14 -10.64 -14.54
N LYS A 273 -8.74 -10.70 -13.27
CA LYS A 273 -9.30 -11.69 -12.31
C LYS A 273 -10.64 -11.17 -11.76
N GLY A 274 -11.09 -9.98 -12.17
CA GLY A 274 -12.38 -9.47 -11.75
C GLY A 274 -12.49 -9.20 -10.27
N VAL A 275 -11.47 -8.58 -9.66
CA VAL A 275 -11.49 -8.27 -8.24
C VAL A 275 -11.93 -6.85 -7.95
N VAL A 276 -12.19 -6.06 -8.98
CA VAL A 276 -12.49 -4.64 -8.80
C VAL A 276 -13.82 -4.48 -8.06
N PRO A 277 -14.90 -5.14 -8.49
CA PRO A 277 -16.15 -5.05 -7.72
C PRO A 277 -15.95 -5.34 -6.24
N GLN A 278 -15.16 -6.36 -5.91
CA GLN A 278 -14.92 -6.70 -4.52
C GLN A 278 -14.08 -5.63 -3.84
N LEU A 279 -13.12 -5.03 -4.55
CA LEU A 279 -12.34 -3.95 -3.98
C LEU A 279 -13.22 -2.76 -3.65
N VAL A 280 -14.16 -2.43 -4.55
CA VAL A 280 -15.06 -1.30 -4.30
C VAL A 280 -15.95 -1.59 -3.10
N LYS A 281 -16.41 -2.82 -2.96
CA LYS A 281 -17.18 -3.18 -1.77
C LYS A 281 -16.37 -2.94 -0.51
N LEU A 282 -15.13 -3.44 -0.48
CA LEU A 282 -14.27 -3.21 0.68
C LEU A 282 -13.95 -1.73 0.83
N LEU A 283 -13.93 -0.98 -0.27
CA LEU A 283 -13.66 0.45 -0.20
C LEU A 283 -14.68 1.17 0.67
N GLY A 284 -15.89 0.62 0.76
CA GLY A 284 -16.93 1.22 1.58
C GLY A 284 -17.10 0.54 2.92
N ALA A 285 -16.06 -0.18 3.35
CA ALA A 285 -16.12 -0.87 4.62
C ALA A 285 -16.11 0.12 5.78
N THR A 286 -16.58 -0.35 6.94
CA THR A 286 -16.59 0.48 8.13
C THR A 286 -15.22 0.52 8.79
N GLU A 287 -14.49 -0.60 8.75
CA GLU A 287 -13.21 -0.71 9.42
C GLU A 287 -12.15 0.04 8.63
N LEU A 288 -11.38 0.87 9.33
CA LEU A 288 -10.32 1.62 8.67
C LEU A 288 -9.22 0.74 8.09
N PRO A 289 -8.73 -0.28 8.79
CA PRO A 289 -7.62 -1.08 8.23
C PRO A 289 -7.98 -1.79 6.93
N ILE A 290 -9.25 -1.87 6.57
CA ILE A 290 -9.63 -2.44 5.28
C ILE A 290 -9.79 -1.34 4.24
N VAL A 291 -10.30 -0.18 4.64
CA VAL A 291 -10.49 0.92 3.69
C VAL A 291 -9.15 1.43 3.19
N THR A 292 -8.14 1.47 4.06
CA THR A 292 -6.87 2.05 3.67
C THR A 292 -6.18 1.27 2.55
N PRO A 293 -5.96 -0.04 2.66
CA PRO A 293 -5.37 -0.77 1.51
C PRO A 293 -6.31 -0.88 0.33
N ALA A 294 -7.62 -1.00 0.56
CA ALA A 294 -8.57 -1.03 -0.55
C ALA A 294 -8.46 0.23 -1.40
N LEU A 295 -8.27 1.38 -0.75
CA LEU A 295 -8.16 2.63 -1.50
C LEU A 295 -6.82 2.70 -2.23
N ARG A 296 -5.74 2.22 -1.60
CA ARG A 296 -4.45 2.19 -2.28
C ARG A 296 -4.49 1.37 -3.55
N ALA A 297 -5.12 0.19 -3.49
CA ALA A 297 -5.26 -0.63 -4.70
C ALA A 297 -6.07 0.08 -5.75
N ILE A 298 -7.19 0.71 -5.35
CA ILE A 298 -8.02 1.45 -6.30
C ILE A 298 -7.21 2.59 -6.91
N GLY A 299 -6.50 3.34 -6.06
CA GLY A 299 -5.67 4.42 -6.56
C GLY A 299 -4.58 3.96 -7.50
N ASN A 300 -4.02 2.78 -7.25
CA ASN A 300 -3.01 2.24 -8.16
C ASN A 300 -3.61 1.88 -9.50
N ILE A 301 -4.79 1.26 -9.50
CA ILE A 301 -5.40 0.79 -10.74
C ILE A 301 -5.70 1.95 -11.67
N VAL A 302 -6.03 3.13 -11.12
CA VAL A 302 -6.39 4.26 -11.96
C VAL A 302 -5.18 5.01 -12.50
N THR A 303 -3.97 4.59 -12.15
CA THR A 303 -2.78 5.12 -12.79
C THR A 303 -2.51 4.49 -14.15
N GLY A 304 -3.24 3.43 -14.48
CA GLY A 304 -3.03 2.72 -15.74
C GLY A 304 -3.82 3.29 -16.89
N THR A 305 -4.33 2.41 -17.75
CA THR A 305 -5.02 2.84 -18.95
C THR A 305 -6.43 3.33 -18.61
N ASP A 306 -7.05 4.00 -19.58
CA ASP A 306 -8.40 4.52 -19.39
C ASP A 306 -9.44 3.41 -19.30
N GLU A 307 -9.15 2.24 -19.87
CA GLU A 307 -10.08 1.12 -19.80
C GLU A 307 -10.06 0.48 -18.41
N GLN A 308 -8.86 0.40 -17.81
CA GLN A 308 -8.75 -0.08 -16.43
C GLN A 308 -9.38 0.91 -15.47
N THR A 309 -9.19 2.21 -15.71
CA THR A 309 -9.87 3.22 -14.91
C THR A 309 -11.38 3.09 -15.03
N GLN A 310 -11.87 2.74 -16.24
CA GLN A 310 -13.30 2.64 -16.45
C GLN A 310 -13.91 1.50 -15.65
N LYS A 311 -13.18 0.41 -15.46
CA LYS A 311 -13.71 -0.70 -14.68
C LYS A 311 -13.88 -0.31 -13.22
N VAL A 312 -13.02 0.56 -12.69
CA VAL A 312 -13.23 1.09 -11.34
C VAL A 312 -14.51 1.92 -11.30
N ILE A 313 -14.74 2.72 -12.33
CA ILE A 313 -15.96 3.54 -12.37
C ILE A 313 -17.19 2.66 -12.49
N ASP A 314 -17.11 1.60 -13.31
CA ASP A 314 -18.28 0.74 -13.53
C ASP A 314 -18.66 -0.02 -12.27
N ALA A 315 -17.68 -0.37 -11.43
CA ALA A 315 -17.97 -1.07 -10.19
C ALA A 315 -18.63 -0.18 -9.15
N GLY A 316 -18.83 1.09 -9.44
CA GLY A 316 -19.48 2.00 -8.50
C GLY A 316 -18.54 2.69 -7.54
N ALA A 317 -17.26 2.81 -7.89
CA ALA A 317 -16.29 3.36 -6.93
C ALA A 317 -16.56 4.83 -6.65
N LEU A 318 -17.01 5.59 -7.65
CA LEU A 318 -17.21 7.02 -7.44
C LEU A 318 -18.31 7.31 -6.43
N ALA A 319 -19.25 6.39 -6.24
CA ALA A 319 -20.29 6.60 -5.23
C ALA A 319 -19.73 6.65 -3.83
N VAL A 320 -18.54 6.09 -3.61
CA VAL A 320 -17.94 6.05 -2.28
C VAL A 320 -17.12 7.28 -1.94
N PHE A 321 -16.89 8.16 -2.91
CA PHE A 321 -15.92 9.24 -2.71
C PHE A 321 -16.49 10.44 -1.96
N PRO A 322 -17.80 10.67 -1.94
CA PRO A 322 -18.31 11.68 -0.99
C PRO A 322 -17.83 11.45 0.42
N SER A 323 -17.78 10.19 0.87
CA SER A 323 -17.26 9.88 2.20
C SER A 323 -15.74 9.97 2.22
N LEU A 324 -15.08 9.40 1.21
CA LEU A 324 -13.62 9.36 1.22
C LEU A 324 -13.01 10.76 1.17
N LEU A 325 -13.67 11.70 0.50
CA LEU A 325 -13.15 13.06 0.40
C LEU A 325 -13.50 13.91 1.61
N THR A 326 -14.31 13.40 2.54
CA THR A 326 -14.59 14.07 3.81
C THR A 326 -14.22 13.20 4.99
N ASN A 327 -13.43 12.15 4.75
CA ASN A 327 -13.07 11.22 5.81
C ASN A 327 -12.25 11.94 6.88
N PRO A 328 -12.54 11.70 8.17
CA PRO A 328 -11.80 12.41 9.23
C PRO A 328 -10.32 12.08 9.29
N LYS A 329 -9.85 11.05 8.59
CA LYS A 329 -8.44 10.70 8.61
C LYS A 329 -7.72 11.45 7.49
N THR A 330 -6.64 12.15 7.87
CA THR A 330 -5.89 12.92 6.89
C THR A 330 -5.40 12.04 5.74
N ASN A 331 -4.94 10.82 6.06
CA ASN A 331 -4.34 9.99 5.02
C ASN A 331 -5.39 9.43 4.07
N ILE A 332 -6.58 9.10 4.58
CA ILE A 332 -7.65 8.64 3.69
C ILE A 332 -8.05 9.77 2.75
N GLN A 333 -8.20 10.98 3.29
CA GLN A 333 -8.61 12.12 2.46
C GLN A 333 -7.61 12.40 1.36
N LYS A 334 -6.31 12.31 1.67
CA LYS A 334 -5.29 12.62 0.69
C LYS A 334 -5.24 11.57 -0.41
N GLU A 335 -5.27 10.29 -0.04
CA GLU A 335 -5.22 9.24 -1.06
C GLU A 335 -6.47 9.24 -1.93
N ALA A 336 -7.63 9.59 -1.36
CA ALA A 336 -8.83 9.71 -2.17
C ALA A 336 -8.74 10.85 -3.16
N THR A 337 -8.16 11.98 -2.73
CA THR A 337 -7.97 13.10 -3.65
C THR A 337 -6.96 12.76 -4.73
N TRP A 338 -5.86 12.10 -4.36
CA TRP A 338 -4.89 11.64 -5.36
C TRP A 338 -5.57 10.76 -6.39
N THR A 339 -6.40 9.81 -5.94
CA THR A 339 -7.14 8.97 -6.88
C THR A 339 -8.03 9.81 -7.78
N MET A 340 -8.68 10.84 -7.22
CA MET A 340 -9.52 11.71 -8.03
C MET A 340 -8.71 12.44 -9.09
N SER A 341 -7.49 12.86 -8.75
CA SER A 341 -6.65 13.57 -9.71
C SER A 341 -6.27 12.70 -10.89
N ASN A 342 -6.11 11.39 -10.66
CA ASN A 342 -5.82 10.49 -11.77
C ASN A 342 -7.08 10.14 -12.57
N ILE A 343 -8.26 10.36 -12.01
CA ILE A 343 -9.49 10.08 -12.75
C ILE A 343 -9.85 11.27 -13.63
N THR A 344 -9.63 12.50 -13.15
CA THR A 344 -9.86 13.67 -13.97
C THR A 344 -8.83 13.82 -15.07
N ALA A 345 -7.78 13.00 -15.07
CA ALA A 345 -6.81 12.97 -16.15
C ALA A 345 -7.19 12.00 -17.26
N GLY A 346 -8.36 11.38 -17.17
CA GLY A 346 -8.83 10.42 -18.15
C GLY A 346 -9.60 11.07 -19.28
N ARG A 347 -10.54 10.30 -19.83
CA ARG A 347 -11.32 10.77 -20.96
C ARG A 347 -12.31 11.84 -20.51
N GLN A 348 -13.07 12.37 -21.47
CA GLN A 348 -14.10 13.36 -21.16
C GLN A 348 -15.36 12.70 -20.62
N ASP A 349 -15.75 11.56 -21.18
CA ASP A 349 -16.86 10.80 -20.62
C ASP A 349 -16.56 10.33 -19.20
N GLN A 350 -15.28 10.28 -18.82
CA GLN A 350 -14.90 9.94 -17.46
C GLN A 350 -14.92 11.16 -16.55
N ILE A 351 -14.41 12.30 -17.05
CA ILE A 351 -14.61 13.56 -16.34
C ILE A 351 -16.10 13.81 -16.14
N GLN A 352 -16.90 13.47 -17.16
CA GLN A 352 -18.35 13.66 -17.05
C GLN A 352 -18.93 12.80 -15.94
N GLN A 353 -18.45 11.56 -15.81
CA GLN A 353 -18.94 10.69 -14.75
C GLN A 353 -18.53 11.21 -13.38
N VAL A 354 -17.42 11.93 -13.30
CA VAL A 354 -17.07 12.62 -12.06
C VAL A 354 -18.10 13.69 -11.75
N VAL A 355 -18.57 14.40 -12.80
CA VAL A 355 -19.54 15.47 -12.61
C VAL A 355 -20.88 14.89 -12.18
N ASN A 356 -21.32 13.80 -12.82
CA ASN A 356 -22.65 13.25 -12.53
C ASN A 356 -22.77 12.84 -11.07
N HIS A 357 -21.71 12.25 -10.50
CA HIS A 357 -21.75 11.80 -9.12
C HIS A 357 -21.66 12.95 -8.12
N GLY A 358 -21.57 14.18 -8.58
CA GLY A 358 -21.56 15.33 -7.69
C GLY A 358 -20.27 15.51 -6.92
N LEU A 359 -19.13 15.14 -7.51
CA LEU A 359 -17.86 15.21 -6.82
C LEU A 359 -17.14 16.53 -6.99
N VAL A 360 -17.52 17.35 -7.97
CA VAL A 360 -16.86 18.64 -8.14
C VAL A 360 -17.05 19.52 -6.92
N PRO A 361 -18.25 19.65 -6.34
CA PRO A 361 -18.36 20.40 -5.07
C PRO A 361 -17.44 19.86 -3.99
N PHE A 362 -17.26 18.54 -3.94
CA PHE A 362 -16.37 17.96 -2.93
C PHE A 362 -14.91 18.32 -3.20
N LEU A 363 -14.52 18.44 -4.48
CA LEU A 363 -13.17 18.91 -4.78
C LEU A 363 -13.01 20.38 -4.41
N VAL A 364 -14.02 21.20 -4.70
CA VAL A 364 -14.00 22.59 -4.25
C VAL A 364 -13.84 22.65 -2.73
N GLY A 365 -14.52 21.75 -2.02
CA GLY A 365 -14.42 21.74 -0.57
C GLY A 365 -13.02 21.38 -0.09
N VAL A 366 -12.46 20.30 -0.63
CA VAL A 366 -11.13 19.88 -0.23
C VAL A 366 -10.11 20.96 -0.56
N LEU A 367 -10.25 21.60 -1.72
CA LEU A 367 -9.36 22.70 -2.07
C LEU A 367 -9.54 23.87 -1.12
N SER A 368 -10.75 24.06 -0.60
CA SER A 368 -11.00 25.19 0.29
C SER A 368 -10.35 24.98 1.66
N LYS A 369 -10.43 23.76 2.20
CA LYS A 369 -9.92 23.49 3.54
C LYS A 369 -9.55 22.02 3.65
N ALA A 370 -8.30 21.76 3.97
CA ALA A 370 -7.77 20.42 4.17
C ALA A 370 -6.28 20.57 4.47
N ASP A 371 -5.64 19.47 4.82
CA ASP A 371 -4.18 19.48 4.97
C ASP A 371 -3.54 19.90 3.66
N PHE A 372 -2.50 20.73 3.75
CA PHE A 372 -1.91 21.33 2.56
C PHE A 372 -1.52 20.28 1.53
N LYS A 373 -1.20 19.07 1.97
CA LYS A 373 -0.81 17.99 1.07
C LYS A 373 -2.02 17.41 0.36
N THR A 374 -3.15 17.32 1.06
CA THR A 374 -4.42 16.99 0.42
C THR A 374 -4.83 18.11 -0.54
N GLN A 375 -4.54 19.36 -0.17
CA GLN A 375 -4.88 20.48 -1.04
C GLN A 375 -4.09 20.41 -2.34
N LYS A 376 -2.81 20.05 -2.26
CA LYS A 376 -1.99 19.97 -3.46
C LYS A 376 -2.50 18.89 -4.41
N GLU A 377 -2.92 17.74 -3.84
CA GLU A 377 -3.51 16.70 -4.67
C GLU A 377 -4.79 17.18 -5.33
N ALA A 378 -5.56 18.02 -4.64
CA ALA A 378 -6.77 18.59 -5.24
C ALA A 378 -6.41 19.60 -6.33
N ALA A 379 -5.34 20.38 -6.13
CA ALA A 379 -4.88 21.28 -7.18
C ALA A 379 -4.52 20.49 -8.44
N TRP A 380 -3.89 19.32 -8.26
CA TRP A 380 -3.59 18.47 -9.41
C TRP A 380 -4.87 17.98 -10.08
N ALA A 381 -5.87 17.61 -9.27
CA ALA A 381 -7.12 17.13 -9.84
C ALA A 381 -7.80 18.20 -10.68
N ILE A 382 -7.66 19.46 -10.31
CA ILE A 382 -8.28 20.54 -11.06
C ILE A 382 -7.53 20.79 -12.36
N THR A 383 -6.20 20.86 -12.29
CA THR A 383 -5.41 21.10 -13.49
C THR A 383 -5.61 19.98 -14.51
N ASN A 384 -5.70 18.73 -14.03
CA ASN A 384 -6.03 17.63 -14.93
C ASN A 384 -7.46 17.75 -15.45
N TYR A 385 -8.39 18.16 -14.59
CA TYR A 385 -9.76 18.40 -15.02
C TYR A 385 -9.81 19.47 -16.10
N THR A 386 -9.15 20.61 -15.86
CA THR A 386 -9.24 21.73 -16.79
C THR A 386 -8.51 21.44 -18.10
N SER A 387 -7.47 20.62 -18.07
CA SER A 387 -6.68 20.37 -19.27
C SER A 387 -7.33 19.37 -20.21
N GLY A 388 -8.19 18.50 -19.71
CA GLY A 388 -8.79 17.48 -20.54
C GLY A 388 -10.30 17.55 -20.66
N GLY A 389 -10.91 18.53 -20.00
CA GLY A 389 -12.34 18.65 -20.00
C GLY A 389 -12.88 19.48 -21.15
N THR A 390 -14.19 19.35 -21.38
CA THR A 390 -14.86 20.17 -22.38
C THR A 390 -15.05 21.58 -21.84
N VAL A 391 -15.70 22.42 -22.63
CA VAL A 391 -15.98 23.79 -22.19
C VAL A 391 -17.10 23.79 -21.17
N GLU A 392 -18.16 23.02 -21.41
CA GLU A 392 -19.26 22.94 -20.46
C GLU A 392 -18.78 22.42 -19.11
N GLN A 393 -17.79 21.53 -19.11
CA GLN A 393 -17.25 20.98 -17.87
C GLN A 393 -16.34 21.96 -17.16
N ILE A 394 -15.66 22.84 -17.90
CA ILE A 394 -14.77 23.79 -17.26
C ILE A 394 -15.54 24.96 -16.68
N VAL A 395 -16.66 25.36 -17.30
CA VAL A 395 -17.46 26.43 -16.73
C VAL A 395 -18.21 25.93 -15.50
N TYR A 396 -18.74 24.70 -15.58
CA TYR A 396 -19.35 24.09 -14.40
C TYR A 396 -18.38 24.08 -13.23
N LEU A 397 -17.08 23.92 -13.51
CA LEU A 397 -16.07 24.02 -12.47
C LEU A 397 -16.04 25.40 -11.86
N VAL A 398 -16.33 26.44 -12.64
CA VAL A 398 -16.33 27.80 -12.11
C VAL A 398 -17.62 28.08 -11.35
N HIS A 399 -18.75 27.54 -11.84
CA HIS A 399 -20.01 27.75 -11.15
C HIS A 399 -19.99 27.15 -9.75
N CYS A 400 -19.23 26.06 -9.56
CA CYS A 400 -19.14 25.43 -8.25
C CYS A 400 -18.25 26.20 -7.28
N GLY A 401 -17.53 27.21 -7.76
CA GLY A 401 -16.76 28.07 -6.87
C GLY A 401 -15.31 27.70 -6.74
N ILE A 402 -14.68 27.31 -7.85
CA ILE A 402 -13.30 26.85 -7.78
C ILE A 402 -12.34 28.03 -7.65
N ILE A 403 -12.71 29.19 -8.16
CA ILE A 403 -11.74 30.28 -8.34
C ILE A 403 -11.24 30.77 -6.98
N GLU A 404 -12.15 31.08 -6.07
CA GLU A 404 -11.73 31.69 -4.80
C GLU A 404 -10.76 30.80 -4.04
N PRO A 405 -11.06 29.54 -3.74
CA PRO A 405 -10.08 28.71 -3.02
C PRO A 405 -8.83 28.44 -3.84
N LEU A 406 -8.93 28.43 -5.17
CA LEU A 406 -7.75 28.26 -6.01
C LEU A 406 -6.84 29.48 -5.91
N MET A 407 -7.43 30.68 -5.85
CA MET A 407 -6.63 31.89 -5.71
C MET A 407 -6.01 31.97 -4.32
N ASN A 408 -6.80 31.69 -3.28
CA ASN A 408 -6.31 31.82 -1.92
C ASN A 408 -5.09 30.94 -1.67
N LEU A 409 -4.96 29.84 -2.42
CA LEU A 409 -3.82 28.96 -2.27
C LEU A 409 -2.58 29.46 -3.00
N LEU A 410 -2.69 30.55 -3.76
CA LEU A 410 -1.50 31.15 -4.37
C LEU A 410 -0.62 31.85 -3.34
N SER A 411 -1.10 32.02 -2.11
CA SER A 411 -0.28 32.52 -1.02
C SER A 411 0.53 31.42 -0.34
N ALA A 412 0.55 30.22 -0.93
CA ALA A 412 1.29 29.11 -0.34
C ALA A 412 2.78 29.25 -0.61
N LYS A 413 3.58 28.69 0.28
CA LYS A 413 5.04 28.77 0.22
C LYS A 413 5.63 27.54 -0.44
N ASP A 414 5.03 27.09 -1.53
CA ASP A 414 5.46 25.92 -2.29
C ASP A 414 5.42 26.29 -3.76
N THR A 415 6.51 26.02 -4.47
CA THR A 415 6.61 26.46 -5.86
C THR A 415 5.81 25.57 -6.80
N LYS A 416 5.77 24.26 -6.53
CA LYS A 416 5.11 23.34 -7.45
C LYS A 416 3.62 23.60 -7.51
N ILE A 417 2.96 23.80 -6.36
CA ILE A 417 1.53 24.05 -6.37
C ILE A 417 1.22 25.34 -7.12
N ILE A 418 2.13 26.33 -7.04
CA ILE A 418 1.90 27.59 -7.75
C ILE A 418 1.85 27.34 -9.25
N GLN A 419 2.78 26.53 -9.77
CA GLN A 419 2.77 26.21 -11.19
C GLN A 419 1.48 25.47 -11.57
N VAL A 420 1.08 24.50 -10.75
CA VAL A 420 -0.10 23.70 -11.07
C VAL A 420 -1.35 24.58 -11.09
N ILE A 421 -1.46 25.51 -10.15
CA ILE A 421 -2.62 26.39 -10.11
C ILE A 421 -2.62 27.33 -11.30
N LEU A 422 -1.48 27.98 -11.56
CA LEU A 422 -1.40 28.91 -12.67
C LEU A 422 -1.73 28.23 -14.00
N ASP A 423 -1.17 27.04 -14.23
CA ASP A 423 -1.53 26.28 -15.42
C ASP A 423 -3.05 26.11 -15.49
N ALA A 424 -3.65 25.64 -14.39
CA ALA A 424 -5.11 25.47 -14.35
C ALA A 424 -5.82 26.75 -14.76
N ILE A 425 -5.38 27.89 -14.22
CA ILE A 425 -6.01 29.17 -14.56
C ILE A 425 -5.87 29.42 -16.07
N SER A 426 -4.71 29.11 -16.63
CA SER A 426 -4.54 29.25 -18.06
C SER A 426 -5.54 28.42 -18.83
N ASN A 427 -5.75 27.15 -18.42
CA ASN A 427 -6.74 26.32 -19.09
C ASN A 427 -8.14 26.88 -18.93
N ILE A 428 -8.44 27.45 -17.75
CA ILE A 428 -9.76 28.04 -17.53
C ILE A 428 -9.94 29.26 -18.42
N PHE A 429 -8.92 30.13 -18.49
CA PHE A 429 -9.00 31.30 -19.36
C PHE A 429 -9.14 30.89 -20.81
N GLN A 430 -8.40 29.85 -21.23
CA GLN A 430 -8.51 29.38 -22.60
C GLN A 430 -9.92 28.95 -22.94
N ALA A 431 -10.63 28.37 -21.98
CA ALA A 431 -12.04 28.02 -22.20
C ALA A 431 -12.92 29.26 -22.20
N ALA A 432 -12.51 30.31 -21.47
CA ALA A 432 -13.27 31.55 -21.49
C ALA A 432 -13.08 32.29 -22.82
N GLU A 433 -11.88 32.22 -23.38
CA GLU A 433 -11.66 32.75 -24.73
C GLU A 433 -12.63 32.11 -25.72
N LYS A 434 -12.93 30.82 -25.53
CA LYS A 434 -13.78 30.11 -26.47
C LYS A 434 -15.23 30.57 -26.40
N LEU A 435 -15.72 30.93 -25.21
CA LEU A 435 -17.06 31.47 -25.06
C LEU A 435 -17.11 32.99 -25.19
N GLY A 436 -15.97 33.65 -25.28
CA GLY A 436 -15.95 35.10 -25.38
C GLY A 436 -16.32 35.83 -24.12
N GLU A 437 -16.18 35.18 -22.96
CA GLU A 437 -16.43 35.82 -21.67
C GLU A 437 -15.16 35.95 -20.85
N THR A 438 -14.01 36.14 -21.51
CA THR A 438 -12.78 36.39 -20.77
C THR A 438 -12.89 37.61 -19.88
N GLU A 439 -13.82 38.51 -20.17
CA GLU A 439 -13.98 39.71 -19.35
C GLU A 439 -14.59 39.37 -18.00
N LYS A 440 -15.69 38.62 -17.98
CA LYS A 440 -16.35 38.31 -16.72
C LYS A 440 -15.43 37.55 -15.78
N LEU A 441 -14.66 36.59 -16.30
CA LEU A 441 -13.77 35.82 -15.44
C LEU A 441 -12.70 36.73 -14.81
N SER A 442 -12.20 37.70 -15.57
CA SER A 442 -11.17 38.58 -15.04
C SER A 442 -11.73 39.56 -14.02
N ILE A 443 -13.00 39.93 -14.15
CA ILE A 443 -13.63 40.73 -13.10
C ILE A 443 -13.76 39.91 -11.83
N MET A 444 -13.88 38.59 -11.96
CA MET A 444 -14.08 37.69 -10.83
C MET A 444 -12.77 37.45 -10.08
N ILE A 445 -11.71 37.12 -10.81
CA ILE A 445 -10.40 36.93 -10.18
C ILE A 445 -9.96 38.19 -9.48
N GLU A 446 -10.45 39.35 -9.91
CA GLU A 446 -10.09 40.62 -9.29
C GLU A 446 -10.97 40.96 -8.09
N GLU A 447 -12.24 40.55 -8.10
CA GLU A 447 -13.15 40.87 -7.01
C GLU A 447 -12.85 40.06 -5.76
N CYS A 448 -12.20 38.90 -5.89
CA CYS A 448 -11.81 38.10 -4.74
C CYS A 448 -10.34 38.31 -4.35
N GLY A 449 -9.61 39.16 -5.06
CA GLY A 449 -8.25 39.46 -4.72
C GLY A 449 -7.20 38.55 -5.33
N GLY A 450 -7.53 37.88 -6.44
CA GLY A 450 -6.58 36.97 -7.04
C GLY A 450 -5.53 37.66 -7.89
N LEU A 451 -5.90 38.75 -8.56
CA LEU A 451 -4.94 39.44 -9.41
C LEU A 451 -3.75 39.93 -8.61
N ASP A 452 -4.00 40.61 -7.49
CA ASP A 452 -2.91 41.09 -6.64
C ASP A 452 -1.90 39.98 -6.40
N LYS A 453 -2.38 38.75 -6.22
CA LYS A 453 -1.47 37.63 -6.05
C LYS A 453 -0.75 37.30 -7.35
N ILE A 454 -1.48 37.24 -8.46
CA ILE A 454 -0.86 36.90 -9.74
C ILE A 454 0.20 37.93 -10.11
N GLU A 455 -0.10 39.22 -9.92
CA GLU A 455 0.84 40.30 -10.33
C GLU A 455 2.03 40.35 -9.35
N ALA A 456 1.92 39.73 -8.18
CA ALA A 456 3.04 39.68 -7.21
C ALA A 456 3.89 38.45 -7.54
N LEU A 457 3.28 37.47 -8.21
CA LEU A 457 4.01 36.25 -8.64
C LEU A 457 5.08 36.66 -9.67
N GLN A 458 4.93 37.83 -10.28
CA GLN A 458 5.97 38.35 -11.20
C GLN A 458 7.31 38.37 -10.46
N ARG A 459 7.34 38.92 -9.25
CA ARG A 459 8.60 39.03 -8.47
C ARG A 459 8.79 37.75 -7.66
N HIS A 460 9.21 36.66 -8.31
CA HIS A 460 9.44 35.37 -7.65
C HIS A 460 10.79 34.80 -8.06
N GLU A 461 11.25 33.82 -7.27
CA GLU A 461 12.57 33.23 -7.48
C GLU A 461 12.61 32.39 -8.75
N ASN A 462 11.73 31.39 -8.85
CA ASN A 462 11.74 30.49 -10.00
C ASN A 462 11.40 31.27 -11.27
N GLU A 463 11.94 30.79 -12.40
CA GLU A 463 11.72 31.45 -13.68
C GLU A 463 10.41 31.01 -14.34
N SER A 464 10.08 29.72 -14.26
CA SER A 464 8.86 29.25 -14.90
C SER A 464 7.61 29.89 -14.29
N VAL A 465 7.66 30.25 -13.00
CA VAL A 465 6.54 30.96 -12.42
C VAL A 465 6.47 32.39 -12.96
N TYR A 466 7.62 33.06 -13.06
CA TYR A 466 7.65 34.44 -13.53
C TYR A 466 7.09 34.55 -14.95
N LYS A 467 7.41 33.56 -15.79
CA LYS A 467 6.99 33.63 -17.19
C LYS A 467 5.51 33.35 -17.34
N ALA A 468 5.01 32.31 -16.66
CA ALA A 468 3.58 32.02 -16.73
C ALA A 468 2.76 33.13 -16.08
N SER A 469 3.26 33.71 -14.99
CA SER A 469 2.54 34.79 -14.32
C SER A 469 2.45 36.02 -15.21
N LEU A 470 3.60 36.49 -15.71
CA LEU A 470 3.59 37.65 -16.61
C LEU A 470 2.72 37.39 -17.83
N ASN A 471 2.90 36.23 -18.46
CA ASN A 471 2.11 35.87 -19.63
C ASN A 471 0.62 35.98 -19.35
N LEU A 472 0.20 35.69 -18.12
CA LEU A 472 -1.21 35.73 -17.79
C LEU A 472 -1.72 37.17 -17.65
N ILE A 473 -0.97 38.02 -16.95
CA ILE A 473 -1.41 39.40 -16.79
C ILE A 473 -1.32 40.16 -18.10
N GLU A 474 -0.44 39.75 -19.01
CA GLU A 474 -0.34 40.44 -20.28
C GLU A 474 -1.50 40.06 -21.20
N LYS A 475 -1.84 38.78 -21.26
CA LYS A 475 -2.93 38.33 -22.10
C LYS A 475 -4.26 38.93 -21.64
N TYR A 476 -4.61 38.70 -20.36
CA TYR A 476 -5.95 39.10 -19.83
C TYR A 476 -5.86 40.12 -18.71
N ASN B 6 5.71 -5.82 7.42
CA ASN B 6 7.11 -6.04 6.99
C ASN B 6 7.67 -7.25 7.75
N LYS B 7 7.86 -7.11 9.07
CA LYS B 7 8.36 -8.21 9.91
C LYS B 7 7.64 -8.08 11.26
N LYS B 8 7.23 -9.20 11.87
CA LYS B 8 6.44 -9.16 13.12
C LYS B 8 6.97 -10.21 14.11
N PRO B 9 7.19 -9.89 15.39
CA PRO B 9 7.60 -10.90 16.36
C PRO B 9 6.43 -11.58 17.04
N ARG B 10 6.65 -12.77 17.60
CA ARG B 10 5.61 -13.52 18.34
C ARG B 10 5.90 -13.37 19.84
N ILE B 11 5.06 -12.64 20.59
CA ILE B 11 5.30 -12.38 22.03
C ILE B 11 4.27 -13.20 22.85
#